data_5EX0
#
_entry.id   5EX0
#
_cell.length_a   53.598
_cell.length_b   104.181
_cell.length_c   117.215
_cell.angle_alpha   90.000
_cell.angle_beta   90.000
_cell.angle_gamma   90.000
#
_symmetry.space_group_name_H-M   'P 21 21 21'
#
loop_
_entity.id
_entity.type
_entity.pdbx_description
1 polymer 'Histone-lysine N-methyltransferase SMYD3'
2 polymer 'MAP3K2 peptide'
3 non-polymer 'ZINC ION'
4 non-polymer S-ADENOSYL-L-HOMOCYSTEINE
5 non-polymer 'ACETIC ACID'
6 water water
#
loop_
_entity_poly.entity_id
_entity_poly.type
_entity_poly.pdbx_seq_one_letter_code
_entity_poly.pdbx_strand_id
1 'polypeptide(L)'
;SEFMEPLKVEKFATANRGNGLRAVTPLRPGELLFRSDPLAYTVCKGSRGVVCDRCLLGKEKLMRCSQCRVAKYCSAKCQK
KAWPDHKRECKCLKSCKPRYPPDSVRLLGRVVFKLMDGAPSESEKLYSFYDLESNINKLTEDRKEGLRQLVMTFQHFMRE
EIQDASQLPPAFDLFEAFAKVICNSFTICNAEMQEVGVGLYPSISLLNHSCDPNCSIVFNGPHLLLRAVRDIEVGEELTI
CYLDMLMTSEERRKQLRDQYCFECDCFRCQTQDKDADMLTGDEQVWKEVQESLKKIEELKAHWKWEQVLAMCQAIISSNS
ERLPDINIYQLKVLDCAMDACINLGLLEEALFYGTRTMEPYRIFFPGSHPVRGVQVMKVGKLQLHQGMFPQAMKNLRLAF
DIMRVTHGREHSLIEDLILLLEECDANIRAS
;
A
2 'polypeptide(L)' EKFGKGGTYP D
#
# COMPACT_ATOMS: atom_id res chain seq x y z
N PHE A 3 -0.32 14.45 -24.49
CA PHE A 3 0.97 15.06 -24.18
C PHE A 3 0.79 16.29 -23.28
N MET A 4 -0.39 16.89 -23.36
CA MET A 4 -0.73 18.01 -22.49
C MET A 4 -2.16 17.87 -21.98
N GLU A 5 -2.39 16.87 -21.13
CA GLU A 5 -3.68 16.69 -20.49
C GLU A 5 -3.84 17.71 -19.36
N PRO A 6 -5.00 18.39 -19.32
CA PRO A 6 -5.26 19.44 -18.34
C PRO A 6 -5.61 18.85 -16.98
N LEU A 7 -5.43 19.65 -15.93
CA LEU A 7 -5.79 19.21 -14.59
C LEU A 7 -7.29 19.01 -14.49
N LYS A 8 -7.70 17.79 -14.18
CA LYS A 8 -9.11 17.45 -14.11
C LYS A 8 -9.66 17.46 -12.70
N VAL A 9 -8.81 17.83 -11.74
CA VAL A 9 -9.22 17.85 -10.33
C VAL A 9 -8.80 19.17 -9.69
N GLU A 10 -9.40 19.49 -8.54
CA GLU A 10 -9.05 20.70 -7.81
C GLU A 10 -9.26 20.57 -6.30
N LYS A 11 -8.52 21.36 -5.53
CA LYS A 11 -8.67 21.41 -4.09
C LYS A 11 -9.92 22.20 -3.73
N PHE A 12 -10.65 21.75 -2.71
CA PHE A 12 -11.80 22.50 -2.24
C PHE A 12 -12.05 22.22 -0.76
N ALA A 13 -12.82 23.09 -0.11
CA ALA A 13 -13.17 22.91 1.30
C ALA A 13 -14.51 22.22 1.44
N THR A 14 -14.52 21.12 2.18
CA THR A 14 -15.74 20.37 2.41
C THR A 14 -16.51 20.96 3.58
N ALA A 15 -17.73 20.49 3.77
CA ALA A 15 -18.55 20.93 4.89
C ALA A 15 -17.93 20.56 6.23
N ASN A 16 -17.41 19.34 6.34
CA ASN A 16 -16.98 18.81 7.61
C ASN A 16 -15.64 18.07 7.59
N ARG A 17 -15.27 17.56 6.42
CA ARG A 17 -14.09 16.70 6.30
C ARG A 17 -12.79 17.49 6.09
N GLY A 18 -12.80 18.78 6.36
CA GLY A 18 -11.65 19.62 6.07
C GLY A 18 -11.53 19.84 4.57
N ASN A 19 -10.30 19.90 4.07
CA ASN A 19 -10.10 20.02 2.63
C ASN A 19 -10.25 18.68 1.94
N GLY A 20 -10.54 18.74 0.64
CA GLY A 20 -10.73 17.55 -0.15
C GLY A 20 -10.37 17.77 -1.59
N LEU A 21 -10.65 16.77 -2.41
CA LEU A 21 -10.37 16.85 -3.84
C LEU A 21 -11.65 16.50 -4.57
N ARG A 22 -11.95 17.27 -5.61
CA ARG A 22 -13.16 17.01 -6.40
C ARG A 22 -12.87 17.19 -7.90
N ALA A 23 -13.73 16.61 -8.73
CA ALA A 23 -13.55 16.67 -10.16
C ALA A 23 -14.02 18.00 -10.72
N VAL A 24 -13.35 18.50 -11.75
CA VAL A 24 -13.80 19.72 -12.41
C VAL A 24 -14.41 19.36 -13.77
N THR A 25 -14.25 18.10 -14.17
CA THR A 25 -14.82 17.62 -15.41
C THR A 25 -15.36 16.21 -15.13
N PRO A 26 -16.32 15.74 -15.95
CA PRO A 26 -16.80 14.37 -15.76
C PRO A 26 -15.70 13.36 -16.02
N LEU A 27 -15.67 12.30 -15.23
CA LEU A 27 -14.60 11.32 -15.32
C LEU A 27 -15.13 9.91 -15.59
N ARG A 28 -14.47 9.21 -16.51
CA ARG A 28 -14.80 7.84 -16.82
C ARG A 28 -13.95 6.88 -15.98
N PRO A 29 -14.46 5.67 -15.72
CA PRO A 29 -13.63 4.67 -15.03
C PRO A 29 -12.33 4.43 -15.77
N GLY A 30 -11.22 4.39 -15.05
CA GLY A 30 -9.93 4.17 -15.65
C GLY A 30 -9.20 5.46 -16.00
N GLU A 31 -9.93 6.57 -16.00
CA GLU A 31 -9.33 7.85 -16.33
C GLU A 31 -8.25 8.22 -15.31
N LEU A 32 -7.07 8.57 -15.82
CA LEU A 32 -5.98 9.01 -14.96
C LEU A 32 -6.23 10.43 -14.48
N LEU A 33 -6.22 10.63 -13.18
CA LEU A 33 -6.53 11.93 -12.62
C LEU A 33 -5.27 12.68 -12.23
N PHE A 34 -4.28 11.94 -11.76
CA PHE A 34 -3.10 12.56 -11.19
C PHE A 34 -1.99 11.54 -11.07
N ARG A 35 -0.79 11.92 -11.47
CA ARG A 35 0.38 11.10 -11.21
C ARG A 35 1.38 11.92 -10.43
N SER A 36 1.99 11.32 -9.43
CA SER A 36 2.85 12.06 -8.54
C SER A 36 4.08 11.27 -8.08
N ASP A 37 5.23 11.91 -8.14
CA ASP A 37 6.41 11.44 -7.42
C ASP A 37 6.23 11.80 -5.95
N PRO A 38 6.86 11.03 -5.05
CA PRO A 38 6.73 11.37 -3.64
C PRO A 38 7.55 12.61 -3.27
N LEU A 39 7.10 13.36 -2.27
CA LEU A 39 7.91 14.42 -1.70
C LEU A 39 9.16 13.78 -1.11
N ALA A 40 8.94 12.68 -0.41
CA ALA A 40 10.02 11.84 0.09
C ALA A 40 9.48 10.45 0.31
N TYR A 41 10.34 9.44 0.17
CA TYR A 41 9.91 8.07 0.35
C TYR A 41 11.08 7.21 0.82
N THR A 42 10.76 6.05 1.39
CA THR A 42 11.79 5.11 1.78
C THR A 42 11.27 3.68 1.75
N VAL A 43 12.18 2.74 1.59
CA VAL A 43 11.84 1.34 1.68
CA VAL A 43 11.84 1.33 1.70
C VAL A 43 11.36 1.07 3.11
N CYS A 44 10.39 0.18 3.28
CA CYS A 44 9.95 -0.14 4.63
CA CYS A 44 9.92 -0.22 4.60
C CYS A 44 10.95 -1.12 5.26
N LYS A 45 10.91 -1.19 6.59
CA LYS A 45 11.86 -1.99 7.36
C LYS A 45 11.97 -3.42 6.86
N GLY A 46 10.81 -4.04 6.59
CA GLY A 46 10.79 -5.42 6.17
C GLY A 46 11.39 -5.67 4.81
N SER A 47 11.55 -4.62 4.00
CA SER A 47 11.98 -4.82 2.63
C SER A 47 13.40 -4.32 2.35
N ARG A 48 14.05 -3.72 3.34
CA ARG A 48 15.41 -3.21 3.15
C ARG A 48 16.35 -4.36 2.82
N GLY A 49 16.98 -4.29 1.65
CA GLY A 49 17.88 -5.33 1.22
C GLY A 49 17.25 -6.34 0.28
N VAL A 50 15.93 -6.27 0.14
CA VAL A 50 15.22 -7.16 -0.77
C VAL A 50 14.87 -6.44 -2.06
N VAL A 51 14.51 -5.17 -1.95
CA VAL A 51 14.23 -4.35 -3.13
C VAL A 51 15.17 -3.15 -3.21
N CYS A 52 15.31 -2.60 -4.41
CA CYS A 52 16.18 -1.46 -4.63
C CYS A 52 15.69 -0.22 -3.90
N ASP A 53 16.57 0.38 -3.08
CA ASP A 53 16.28 1.60 -2.33
C ASP A 53 15.66 2.71 -3.18
N ARG A 54 15.99 2.73 -4.46
CA ARG A 54 15.53 3.78 -5.36
C ARG A 54 14.24 3.41 -6.08
N CYS A 55 14.28 2.33 -6.85
CA CYS A 55 13.17 1.99 -7.73
C CYS A 55 12.21 0.98 -7.12
N LEU A 56 12.54 0.46 -5.94
CA LEU A 56 11.65 -0.42 -5.18
C LEU A 56 11.33 -1.74 -5.88
N LEU A 57 12.05 -2.08 -6.94
CA LEU A 57 11.87 -3.36 -7.61
C LEU A 57 12.67 -4.43 -6.90
N GLY A 58 12.17 -5.66 -6.91
CA GLY A 58 12.85 -6.76 -6.27
C GLY A 58 13.79 -7.48 -7.22
N LYS A 59 14.82 -6.79 -7.67
CA LYS A 59 15.83 -7.39 -8.53
C LYS A 59 16.58 -8.46 -7.75
N GLU A 60 17.11 -9.44 -8.48
CA GLU A 60 17.62 -10.67 -7.88
C GLU A 60 18.86 -10.43 -7.01
N LYS A 61 19.79 -9.62 -7.52
CA LYS A 61 21.06 -9.39 -6.84
C LYS A 61 21.35 -7.91 -6.67
N LEU A 62 21.47 -7.46 -5.42
CA LEU A 62 21.63 -6.05 -5.13
C LEU A 62 23.02 -5.72 -4.57
N MET A 63 23.51 -4.53 -4.85
CA MET A 63 24.79 -4.09 -4.33
C MET A 63 24.60 -3.07 -3.21
N ARG A 64 25.22 -3.34 -2.07
CA ARG A 64 25.04 -2.46 -0.92
C ARG A 64 25.95 -1.25 -1.04
N CYS A 65 25.48 -0.12 -0.51
CA CYS A 65 26.29 1.08 -0.39
C CYS A 65 27.53 0.80 0.46
N SER A 66 28.70 1.07 -0.09
CA SER A 66 29.95 0.70 0.56
C SER A 66 30.06 1.31 1.95
N GLN A 67 29.50 2.50 2.12
CA GLN A 67 29.67 3.25 3.35
C GLN A 67 28.82 2.72 4.49
N CYS A 68 27.51 2.61 4.29
CA CYS A 68 26.63 2.24 5.38
C CYS A 68 26.24 0.76 5.35
N ARG A 69 26.31 0.16 4.16
CA ARG A 69 25.91 -1.22 3.93
CA ARG A 69 25.92 -1.23 3.97
C ARG A 69 24.49 -1.50 4.43
N VAL A 70 23.64 -0.48 4.37
CA VAL A 70 22.23 -0.61 4.71
C VAL A 70 21.39 -0.44 3.45
N ALA A 71 21.59 0.67 2.76
CA ALA A 71 20.96 0.92 1.48
C ALA A 71 21.52 -0.04 0.43
N LYS A 72 20.64 -0.65 -0.35
CA LYS A 72 21.04 -1.53 -1.44
C LYS A 72 20.38 -1.10 -2.75
N TYR A 73 21.10 -1.25 -3.86
CA TYR A 73 20.64 -0.75 -5.15
C TYR A 73 20.74 -1.80 -6.25
N CYS A 74 19.94 -1.63 -7.29
CA CYS A 74 19.89 -2.59 -8.38
C CYS A 74 20.89 -2.27 -9.49
N SER A 75 21.48 -1.09 -9.42
CA SER A 75 22.39 -0.63 -10.47
C SER A 75 23.15 0.60 -10.01
N ALA A 76 24.16 0.97 -10.78
CA ALA A 76 24.88 2.21 -10.51
C ALA A 76 23.92 3.38 -10.72
N LYS A 77 23.08 3.23 -11.73
CA LYS A 77 22.07 4.23 -12.06
C LYS A 77 21.23 4.56 -10.84
N CYS A 78 20.62 3.54 -10.24
CA CYS A 78 19.76 3.76 -9.09
C CYS A 78 20.55 4.31 -7.90
N GLN A 79 21.74 3.77 -7.66
CA GLN A 79 22.57 4.24 -6.56
C GLN A 79 22.94 5.71 -6.73
N LYS A 80 23.22 6.12 -7.96
CA LYS A 80 23.51 7.51 -8.25
C LYS A 80 22.26 8.37 -8.05
N LYS A 81 21.16 7.99 -8.69
CA LYS A 81 19.92 8.76 -8.63
C LYS A 81 19.42 8.94 -7.19
N ALA A 82 19.73 7.99 -6.32
CA ALA A 82 19.24 8.02 -4.95
C ALA A 82 20.18 8.80 -4.03
N TRP A 83 21.36 9.13 -4.53
CA TRP A 83 22.37 9.80 -3.71
C TRP A 83 21.89 11.11 -3.04
N PRO A 84 21.13 11.96 -3.75
CA PRO A 84 20.61 13.13 -3.05
C PRO A 84 19.72 12.78 -1.85
N ASP A 85 19.06 11.64 -1.93
CA ASP A 85 18.15 11.22 -0.87
C ASP A 85 18.90 10.45 0.23
N HIS A 86 20.08 9.96 -0.12
CA HIS A 86 20.80 9.06 0.79
C HIS A 86 21.99 9.70 1.48
N LYS A 87 22.57 10.74 0.89
CA LYS A 87 23.82 11.28 1.41
C LYS A 87 23.71 11.79 2.84
N ARG A 88 22.56 12.39 3.17
CA ARG A 88 22.37 12.94 4.51
C ARG A 88 21.96 11.87 5.52
N GLU A 89 21.64 10.66 5.05
CA GLU A 89 21.19 9.62 5.98
C GLU A 89 22.22 8.50 6.15
N CYS A 90 23.16 8.43 5.21
CA CYS A 90 24.14 7.34 5.18
C CYS A 90 24.89 7.19 6.49
N LYS A 91 25.55 8.26 6.92
CA LYS A 91 26.30 8.25 8.16
C LYS A 91 25.39 7.97 9.35
N CYS A 92 24.14 8.41 9.26
CA CYS A 92 23.16 8.15 10.31
C CYS A 92 22.83 6.66 10.42
N LEU A 93 22.70 6.00 9.27
CA LEU A 93 22.41 4.58 9.24
C LEU A 93 23.61 3.76 9.70
N LYS A 94 24.81 4.22 9.37
CA LYS A 94 26.03 3.55 9.81
C LYS A 94 26.15 3.61 11.33
N SER A 95 25.95 4.80 11.89
CA SER A 95 26.05 5.01 13.31
C SER A 95 24.99 4.26 14.10
N CYS A 96 23.87 4.01 13.44
CA CYS A 96 22.71 3.42 14.10
C CYS A 96 22.92 1.93 14.34
N LYS A 97 23.65 1.29 13.42
CA LYS A 97 23.92 -0.15 13.47
C LYS A 97 24.37 -0.62 14.86
N PRO A 98 23.93 -1.82 15.27
CA PRO A 98 23.09 -2.74 14.49
C PRO A 98 21.59 -2.40 14.58
N ARG A 99 21.26 -1.28 15.19
CA ARG A 99 19.87 -0.84 15.24
C ARG A 99 19.45 -0.24 13.90
N TYR A 100 18.16 -0.29 13.61
CA TYR A 100 17.61 0.34 12.43
C TYR A 100 16.42 1.19 12.86
N PRO A 101 16.34 2.43 12.36
CA PRO A 101 15.30 3.35 12.81
C PRO A 101 13.92 2.97 12.29
N PRO A 102 12.86 3.35 13.02
CA PRO A 102 11.49 3.15 12.53
C PRO A 102 11.29 3.86 11.20
N ASP A 103 10.42 3.30 10.36
CA ASP A 103 10.22 3.83 9.00
C ASP A 103 9.89 5.32 8.99
N SER A 104 8.97 5.73 9.87
CA SER A 104 8.57 7.13 9.94
C SER A 104 9.74 8.07 10.23
N VAL A 105 10.69 7.61 11.03
CA VAL A 105 11.85 8.43 11.37
C VAL A 105 12.80 8.51 10.18
N ARG A 106 12.95 7.43 9.43
CA ARG A 106 13.82 7.47 8.27
C ARG A 106 13.17 8.30 7.17
N LEU A 107 11.86 8.17 7.03
CA LEU A 107 11.11 8.92 6.05
C LEU A 107 11.19 10.41 6.30
N LEU A 108 10.93 10.78 7.55
CA LEU A 108 10.93 12.19 7.92
C LEU A 108 12.33 12.77 7.75
N GLY A 109 13.33 11.95 8.03
CA GLY A 109 14.72 12.36 7.84
C GLY A 109 14.99 12.78 6.42
N ARG A 110 14.29 12.15 5.48
CA ARG A 110 14.41 12.53 4.08
C ARG A 110 13.59 13.77 3.78
N VAL A 111 12.46 13.91 4.47
CA VAL A 111 11.55 15.02 4.23
C VAL A 111 12.18 16.39 4.49
N VAL A 112 12.87 16.52 5.63
CA VAL A 112 13.37 17.82 6.06
C VAL A 112 14.35 18.45 5.07
N PHE A 113 15.07 17.63 4.32
CA PHE A 113 16.04 18.17 3.39
C PHE A 113 15.38 18.54 2.08
N LYS A 114 14.25 17.90 1.79
CA LYS A 114 13.52 18.18 0.57
C LYS A 114 12.79 19.50 0.71
N LEU A 115 12.48 19.86 1.95
CA LEU A 115 11.77 21.11 2.21
C LEU A 115 12.64 22.31 1.89
N MET A 116 13.96 22.12 1.89
CA MET A 116 14.89 23.19 1.61
C MET A 116 15.20 23.32 0.12
N ASP A 117 14.63 22.43 -0.68
CA ASP A 117 14.97 22.32 -2.10
C ASP A 117 14.82 23.62 -2.89
N GLY A 118 13.73 24.36 -2.68
CA GLY A 118 13.55 25.62 -3.36
C GLY A 118 13.06 25.50 -4.80
N ALA A 119 13.51 24.46 -5.48
CA ALA A 119 12.93 24.08 -6.77
C ALA A 119 11.60 23.38 -6.51
N PRO A 120 10.49 23.98 -6.98
CA PRO A 120 9.11 23.53 -6.75
C PRO A 120 8.94 22.02 -6.90
N SER A 121 8.22 21.41 -5.97
CA SER A 121 7.99 19.97 -6.04
C SER A 121 6.65 19.67 -6.70
N GLU A 122 6.67 18.80 -7.71
CA GLU A 122 5.45 18.43 -8.41
C GLU A 122 4.47 17.70 -7.51
N SER A 123 4.97 17.18 -6.40
CA SER A 123 4.14 16.47 -5.44
C SER A 123 3.35 17.44 -4.59
N GLU A 124 3.78 18.69 -4.57
CA GLU A 124 3.13 19.69 -3.73
C GLU A 124 2.34 20.69 -4.57
N LYS A 125 2.04 20.30 -5.80
CA LYS A 125 1.34 21.15 -6.75
C LYS A 125 0.01 21.67 -6.21
N LEU A 126 -0.72 20.84 -5.48
CA LEU A 126 -2.05 21.21 -5.01
C LEU A 126 -2.11 21.41 -3.50
N TYR A 127 -1.04 21.00 -2.83
CA TYR A 127 -1.05 20.92 -1.37
C TYR A 127 0.38 20.71 -0.89
N SER A 128 0.85 21.54 0.03
CA SER A 128 2.22 21.40 0.50
C SER A 128 2.30 20.52 1.75
N PHE A 129 3.53 20.14 2.10
CA PHE A 129 3.78 19.44 3.35
C PHE A 129 3.20 20.21 4.54
N TYR A 130 3.36 21.53 4.52
CA TYR A 130 2.92 22.36 5.63
C TYR A 130 1.39 22.50 5.66
N ASP A 131 0.76 22.27 4.51
CA ASP A 131 -0.71 22.32 4.44
C ASP A 131 -1.34 21.08 5.06
N LEU A 132 -0.56 20.01 5.15
CA LEU A 132 -1.05 18.70 5.61
C LEU A 132 -1.70 18.76 6.98
N GLU A 133 -2.78 17.98 7.12
CA GLU A 133 -3.49 17.87 8.39
C GLU A 133 -2.64 17.13 9.41
N SER A 134 -2.68 17.61 10.65
CA SER A 134 -1.90 16.99 11.72
C SER A 134 -2.82 16.40 12.77
N ASN A 135 -4.04 16.93 12.85
CA ASN A 135 -5.03 16.53 13.84
C ASN A 135 -4.53 16.67 15.28
N ILE A 136 -3.72 17.69 15.54
CA ILE A 136 -3.11 17.86 16.85
C ILE A 136 -4.15 18.04 17.96
N ASN A 137 -5.18 18.83 17.70
CA ASN A 137 -6.20 19.10 18.70
C ASN A 137 -6.97 17.84 19.09
N LYS A 138 -7.07 16.90 18.15
CA LYS A 138 -7.85 15.68 18.38
C LYS A 138 -7.01 14.53 18.91
N LEU A 139 -5.70 14.72 18.97
CA LEU A 139 -4.80 13.65 19.40
C LEU A 139 -5.01 13.26 20.86
N THR A 140 -5.07 11.95 21.11
CA THR A 140 -5.12 11.44 22.48
C THR A 140 -3.79 11.62 23.16
N GLU A 141 -3.80 11.60 24.49
CA GLU A 141 -2.57 11.73 25.25
C GLU A 141 -1.63 10.56 24.98
N ASP A 142 -2.21 9.39 24.71
CA ASP A 142 -1.41 8.20 24.45
C ASP A 142 -0.64 8.34 23.14
N ARG A 143 -1.27 8.95 22.15
CA ARG A 143 -0.63 9.22 20.87
C ARG A 143 0.49 10.25 20.98
N LYS A 144 0.23 11.30 21.75
CA LYS A 144 1.19 12.39 21.93
C LYS A 144 2.47 11.88 22.58
N GLU A 145 2.33 10.95 23.52
CA GLU A 145 3.49 10.38 24.17
C GLU A 145 4.33 9.60 23.16
N GLY A 146 3.66 8.87 22.28
CA GLY A 146 4.33 8.13 21.23
C GLY A 146 5.03 9.03 20.25
N LEU A 147 4.34 10.11 19.85
CA LEU A 147 4.93 11.09 18.94
C LEU A 147 6.20 11.69 19.54
N ARG A 148 6.14 12.01 20.83
CA ARG A 148 7.30 12.52 21.55
C ARG A 148 8.47 11.55 21.47
N GLN A 149 8.17 10.25 21.56
CA GLN A 149 9.21 9.24 21.46
C GLN A 149 9.85 9.25 20.08
N LEU A 150 9.00 9.32 19.05
CA LEU A 150 9.46 9.42 17.66
C LEU A 150 10.39 10.61 17.49
N VAL A 151 10.03 11.72 18.14
CA VAL A 151 10.83 12.92 18.10
C VAL A 151 12.22 12.69 18.67
N MET A 152 12.28 12.10 19.87
CA MET A 152 13.54 11.85 20.53
C MET A 152 14.38 10.84 19.74
N THR A 153 13.70 9.89 19.12
CA THR A 153 14.36 8.90 18.28
C THR A 153 14.98 9.57 17.08
N PHE A 154 14.21 10.47 16.48
CA PHE A 154 14.67 11.25 15.33
C PHE A 154 15.94 12.00 15.70
N GLN A 155 15.90 12.69 16.82
CA GLN A 155 17.02 13.50 17.28
C GLN A 155 18.27 12.65 17.53
N HIS A 156 18.08 11.44 18.03
CA HIS A 156 19.23 10.57 18.20
C HIS A 156 19.71 10.06 16.86
N PHE A 157 18.79 9.57 16.03
CA PHE A 157 19.15 8.99 14.75
C PHE A 157 19.84 9.99 13.81
N MET A 158 19.48 11.26 13.92
CA MET A 158 20.00 12.27 13.01
C MET A 158 21.19 13.05 13.57
N ARG A 159 21.66 12.68 14.76
CA ARG A 159 22.63 13.49 15.51
C ARG A 159 23.91 13.84 14.74
N GLU A 160 24.28 13.00 13.76
CA GLU A 160 25.48 13.27 12.98
C GLU A 160 25.28 14.36 11.94
N GLU A 161 24.03 14.73 11.68
CA GLU A 161 23.72 15.68 10.60
C GLU A 161 22.88 16.86 11.08
N ILE A 162 22.12 16.66 12.14
CA ILE A 162 21.28 17.72 12.70
C ILE A 162 21.35 17.75 14.21
N GLN A 163 21.73 18.90 14.77
CA GLN A 163 21.93 19.03 16.21
C GLN A 163 20.99 20.03 16.87
N ASP A 164 20.44 20.95 16.07
CA ASP A 164 19.56 22.00 16.59
C ASP A 164 18.45 22.36 15.60
N ALA A 165 17.35 22.88 16.13
CA ALA A 165 16.22 23.33 15.32
C ALA A 165 16.62 24.36 14.28
N SER A 166 17.72 25.08 14.52
CA SER A 166 18.13 26.16 13.62
C SER A 166 18.68 25.63 12.30
N GLN A 167 18.92 24.32 12.21
CA GLN A 167 19.45 23.73 10.99
C GLN A 167 18.36 23.29 10.04
N LEU A 168 17.12 23.51 10.45
CA LEU A 168 15.95 23.18 9.63
C LEU A 168 15.10 24.44 9.50
N PRO A 169 14.17 24.47 8.52
CA PRO A 169 13.37 25.69 8.38
C PRO A 169 12.58 26.01 9.63
N PRO A 170 12.43 27.30 9.96
CA PRO A 170 11.74 27.72 11.19
C PRO A 170 10.29 27.26 11.22
N ALA A 171 9.59 27.34 10.10
CA ALA A 171 8.19 26.93 10.02
C ALA A 171 8.03 25.46 10.41
N PHE A 172 9.06 24.67 10.16
CA PHE A 172 9.04 23.25 10.46
C PHE A 172 8.99 22.99 11.96
N ASP A 173 8.12 22.07 12.36
CA ASP A 173 8.06 21.60 13.75
C ASP A 173 8.05 20.08 13.79
N LEU A 174 9.01 19.52 14.53
CA LEU A 174 9.24 18.08 14.52
C LEU A 174 8.04 17.28 15.05
N PHE A 175 7.43 17.76 16.12
CA PHE A 175 6.28 17.07 16.69
C PHE A 175 5.12 17.06 15.71
N GLU A 176 4.79 18.23 15.17
CA GLU A 176 3.70 18.35 14.22
C GLU A 176 3.98 17.54 12.95
N ALA A 177 5.26 17.38 12.63
CA ALA A 177 5.67 16.65 11.44
C ALA A 177 5.30 15.18 11.54
N PHE A 178 5.59 14.58 12.69
CA PHE A 178 5.24 13.18 12.89
C PHE A 178 3.74 13.00 12.91
N ALA A 179 3.03 13.98 13.47
CA ALA A 179 1.58 13.96 13.47
C ALA A 179 1.08 13.91 12.03
N LYS A 180 1.70 14.71 11.16
CA LYS A 180 1.35 14.72 9.75
C LYS A 180 1.71 13.40 9.06
N VAL A 181 2.89 12.87 9.38
CA VAL A 181 3.35 11.62 8.78
C VAL A 181 2.41 10.47 9.10
N ILE A 182 2.08 10.31 10.38
CA ILE A 182 1.12 9.31 10.82
C ILE A 182 -0.20 9.45 10.07
N CYS A 183 -0.51 10.69 9.72
CA CYS A 183 -1.82 11.05 9.22
C CYS A 183 -1.95 11.03 7.69
N ASN A 184 -0.83 11.23 6.99
CA ASN A 184 -0.88 11.49 5.56
C ASN A 184 0.02 10.62 4.69
N SER A 185 0.79 9.74 5.31
CA SER A 185 1.72 8.91 4.55
C SER A 185 1.00 7.79 3.80
N PHE A 186 1.62 7.34 2.71
CA PHE A 186 1.08 6.28 1.88
C PHE A 186 1.95 5.04 1.92
N THR A 187 1.32 3.88 2.10
CA THR A 187 2.02 2.62 1.94
C THR A 187 2.25 2.37 0.46
N ILE A 188 3.50 2.20 0.05
CA ILE A 188 3.80 1.95 -1.34
C ILE A 188 3.80 0.46 -1.63
N CYS A 189 2.98 0.04 -2.58
CA CYS A 189 2.88 -1.35 -2.94
C CYS A 189 3.54 -1.61 -4.29
N ASN A 190 4.03 -2.82 -4.49
CA ASN A 190 4.66 -3.15 -5.76
C ASN A 190 3.64 -3.67 -6.75
N ALA A 191 4.11 -4.47 -7.70
CA ALA A 191 3.23 -5.03 -8.73
C ALA A 191 2.30 -6.10 -8.16
N GLU A 192 2.87 -7.00 -7.36
CA GLU A 192 2.11 -8.11 -6.78
C GLU A 192 1.32 -7.67 -5.57
N MET A 193 1.18 -6.35 -5.40
CA MET A 193 0.47 -5.75 -4.28
C MET A 193 1.09 -6.11 -2.94
N GLN A 194 2.42 -6.19 -2.91
CA GLN A 194 3.16 -6.33 -1.66
C GLN A 194 3.63 -4.96 -1.16
N GLU A 195 3.64 -4.77 0.16
CA GLU A 195 4.17 -3.53 0.74
C GLU A 195 5.69 -3.49 0.64
N VAL A 196 6.24 -2.42 0.08
CA VAL A 196 7.68 -2.34 -0.09
C VAL A 196 8.25 -1.03 0.42
N GLY A 197 7.39 -0.04 0.63
CA GLY A 197 7.86 1.25 1.08
C GLY A 197 6.77 2.17 1.60
N VAL A 198 7.16 3.41 1.87
CA VAL A 198 6.26 4.40 2.41
C VAL A 198 6.71 5.78 1.96
N GLY A 199 5.76 6.67 1.69
CA GLY A 199 6.10 8.00 1.22
C GLY A 199 5.05 9.05 1.50
N LEU A 200 5.49 10.31 1.43
CA LEU A 200 4.57 11.42 1.50
C LEU A 200 4.24 11.91 0.10
N TYR A 201 2.95 12.03 -0.18
CA TYR A 201 2.46 12.56 -1.43
C TYR A 201 1.44 13.65 -1.12
N PRO A 202 1.92 14.84 -0.76
CA PRO A 202 1.10 15.91 -0.18
C PRO A 202 -0.14 16.24 -1.00
N SER A 203 0.00 16.35 -2.32
CA SER A 203 -1.17 16.65 -3.15
C SER A 203 -2.20 15.52 -3.09
N ILE A 204 -1.75 14.28 -3.24
CA ILE A 204 -2.64 13.12 -3.17
C ILE A 204 -3.30 13.05 -1.80
N SER A 205 -2.63 13.59 -0.78
CA SER A 205 -3.12 13.51 0.59
CA SER A 205 -3.13 13.49 0.58
C SER A 205 -4.37 14.36 0.80
N LEU A 206 -4.78 15.08 -0.24
CA LEU A 206 -6.02 15.84 -0.18
C LEU A 206 -7.26 14.95 -0.18
N LEU A 207 -7.13 13.75 -0.72
CA LEU A 207 -8.26 12.84 -0.85
C LEU A 207 -8.80 12.37 0.48
N ASN A 208 -10.09 12.52 0.67
CA ASN A 208 -10.73 12.03 1.89
C ASN A 208 -11.11 10.57 1.75
N HIS A 209 -11.42 9.93 2.86
CA HIS A 209 -11.62 8.49 2.88
C HIS A 209 -13.07 8.09 2.65
N SER A 210 -13.25 6.98 1.97
CA SER A 210 -14.51 6.26 1.93
C SER A 210 -14.27 4.76 1.87
N CYS A 211 -15.09 3.98 2.56
CA CYS A 211 -14.99 2.54 2.48
C CYS A 211 -15.54 2.07 1.13
N ASP A 212 -16.14 3.02 0.41
CA ASP A 212 -16.65 2.79 -0.94
C ASP A 212 -16.13 3.87 -1.90
N PRO A 213 -14.83 3.82 -2.24
CA PRO A 213 -14.20 4.90 -2.98
C PRO A 213 -14.61 4.98 -4.46
N ASN A 214 -14.44 6.16 -5.05
CA ASN A 214 -14.64 6.33 -6.48
C ASN A 214 -13.31 6.38 -7.22
N CYS A 215 -12.22 6.30 -6.46
CA CYS A 215 -10.87 6.31 -7.03
C CYS A 215 -10.02 5.19 -6.48
N SER A 216 -9.03 4.78 -7.25
CA SER A 216 -8.04 3.85 -6.74
C SER A 216 -6.62 4.37 -6.98
N ILE A 217 -5.68 3.84 -6.22
CA ILE A 217 -4.29 4.20 -6.36
C ILE A 217 -3.49 2.96 -6.70
N VAL A 218 -2.56 3.09 -7.63
CA VAL A 218 -1.63 2.01 -7.94
C VAL A 218 -0.23 2.61 -8.07
N PHE A 219 0.79 1.89 -7.63
CA PHE A 219 2.15 2.42 -7.65
C PHE A 219 2.99 1.85 -8.79
N ASN A 220 3.71 2.74 -9.46
CA ASN A 220 4.76 2.37 -10.38
C ASN A 220 6.11 2.63 -9.71
N GLY A 221 6.63 1.64 -9.01
CA GLY A 221 7.76 1.88 -8.13
C GLY A 221 7.34 2.87 -7.06
N PRO A 222 8.08 3.97 -6.93
CA PRO A 222 7.67 5.05 -6.03
C PRO A 222 6.66 6.02 -6.68
N HIS A 223 6.36 5.84 -7.96
CA HIS A 223 5.43 6.74 -8.65
C HIS A 223 3.99 6.34 -8.36
N LEU A 224 3.18 7.33 -7.96
CA LEU A 224 1.80 7.08 -7.57
C LEU A 224 0.83 7.51 -8.67
N LEU A 225 -0.03 6.58 -9.09
CA LEU A 225 -1.02 6.88 -10.11
C LEU A 225 -2.43 6.86 -9.53
N LEU A 226 -3.16 7.96 -9.71
CA LEU A 226 -4.52 8.10 -9.22
C LEU A 226 -5.55 8.03 -10.37
N ARG A 227 -6.48 7.09 -10.28
CA ARG A 227 -7.50 6.89 -11.31
C ARG A 227 -8.90 6.83 -10.75
N ALA A 228 -9.86 7.27 -11.53
CA ALA A 228 -11.26 7.06 -11.18
C ALA A 228 -11.61 5.62 -11.48
N VAL A 229 -12.45 5.01 -10.65
CA VAL A 229 -12.87 3.62 -10.90
C VAL A 229 -14.36 3.52 -11.15
N ARG A 230 -15.02 4.66 -11.27
CA ARG A 230 -16.41 4.69 -11.71
C ARG A 230 -16.75 6.08 -12.22
N ASP A 231 -17.93 6.23 -12.81
CA ASP A 231 -18.31 7.51 -13.38
C ASP A 231 -18.49 8.55 -12.28
N ILE A 232 -17.75 9.64 -12.39
CA ILE A 232 -17.77 10.70 -11.39
C ILE A 232 -18.30 11.98 -12.02
N GLU A 233 -19.19 12.67 -11.32
CA GLU A 233 -19.79 13.89 -11.84
C GLU A 233 -18.98 15.13 -11.48
N VAL A 234 -19.23 16.23 -12.19
CA VAL A 234 -18.56 17.48 -11.91
C VAL A 234 -18.86 17.95 -10.49
N GLY A 235 -17.81 18.32 -9.76
CA GLY A 235 -17.96 18.84 -8.42
C GLY A 235 -18.11 17.75 -7.38
N GLU A 236 -18.12 16.49 -7.83
CA GLU A 236 -18.21 15.36 -6.91
C GLU A 236 -16.88 15.15 -6.21
N GLU A 237 -16.94 14.92 -4.90
CA GLU A 237 -15.72 14.72 -4.13
C GLU A 237 -15.07 13.40 -4.53
N LEU A 238 -13.76 13.40 -4.65
CA LEU A 238 -13.01 12.21 -4.99
C LEU A 238 -12.58 11.51 -3.72
N THR A 239 -12.80 10.20 -3.66
CA THR A 239 -12.47 9.45 -2.46
C THR A 239 -11.60 8.23 -2.74
N ILE A 240 -10.77 7.89 -1.78
CA ILE A 240 -10.06 6.62 -1.80
C ILE A 240 -10.32 5.89 -0.49
N CYS A 241 -9.84 4.67 -0.38
CA CYS A 241 -9.99 3.92 0.85
C CYS A 241 -8.65 3.82 1.56
N TYR A 242 -8.58 4.40 2.76
CA TYR A 242 -7.35 4.42 3.55
C TYR A 242 -6.97 3.04 4.05
N LEU A 243 -7.94 2.14 4.12
CA LEU A 243 -7.77 0.87 4.82
C LEU A 243 -7.77 -0.36 3.92
N ASP A 244 -7.36 -1.48 4.51
CA ASP A 244 -7.53 -2.79 3.92
C ASP A 244 -9.03 -3.08 3.80
N MET A 245 -9.42 -3.70 2.69
CA MET A 245 -10.83 -3.98 2.46
C MET A 245 -11.33 -5.13 3.33
N LEU A 246 -10.44 -6.04 3.70
CA LEU A 246 -10.83 -7.18 4.53
C LEU A 246 -10.85 -6.79 6.00
N MET A 247 -11.82 -5.96 6.37
CA MET A 247 -11.97 -5.49 7.74
C MET A 247 -13.44 -5.31 8.10
N THR A 248 -13.80 -5.75 9.30
CA THR A 248 -15.14 -5.51 9.82
C THR A 248 -15.36 -4.02 10.03
N SER A 249 -16.61 -3.59 10.06
CA SER A 249 -16.93 -2.18 10.25
C SER A 249 -16.42 -1.68 11.59
N GLU A 250 -16.32 -2.58 12.56
CA GLU A 250 -15.78 -2.25 13.88
C GLU A 250 -14.28 -2.00 13.80
N GLU A 251 -13.57 -2.90 13.11
CA GLU A 251 -12.13 -2.76 12.91
C GLU A 251 -11.78 -1.47 12.17
N ARG A 252 -12.55 -1.14 11.13
CA ARG A 252 -12.34 0.06 10.36
C ARG A 252 -12.59 1.30 11.21
N ARG A 253 -13.67 1.28 11.96
CA ARG A 253 -14.01 2.40 12.84
C ARG A 253 -12.88 2.64 13.82
N LYS A 254 -12.29 1.57 14.31
CA LYS A 254 -11.22 1.70 15.28
C LYS A 254 -9.94 2.28 14.66
N GLN A 255 -9.52 1.77 13.50
CA GLN A 255 -8.26 2.25 12.94
C GLN A 255 -8.40 3.68 12.41
N LEU A 256 -9.57 4.01 11.89
CA LEU A 256 -9.79 5.38 11.41
C LEU A 256 -9.75 6.38 12.56
N ARG A 257 -10.19 5.94 13.74
CA ARG A 257 -10.18 6.80 14.92
C ARG A 257 -8.78 6.90 15.52
N ASP A 258 -8.13 5.76 15.72
CA ASP A 258 -6.82 5.73 16.37
C ASP A 258 -5.74 6.39 15.53
N GLN A 259 -5.95 6.42 14.22
CA GLN A 259 -4.88 6.82 13.31
C GLN A 259 -5.22 8.09 12.53
N TYR A 260 -6.50 8.29 12.24
CA TYR A 260 -6.88 9.41 11.40
C TYR A 260 -7.83 10.38 12.10
N CYS A 261 -8.20 10.04 13.34
CA CYS A 261 -9.00 10.90 14.20
C CYS A 261 -10.34 11.31 13.61
N PHE A 262 -11.08 10.34 13.07
CA PHE A 262 -12.44 10.57 12.60
C PHE A 262 -13.21 9.26 12.49
N GLU A 263 -14.53 9.36 12.56
CA GLU A 263 -15.40 8.20 12.34
C GLU A 263 -16.04 8.29 10.95
N CYS A 264 -15.98 7.19 10.21
CA CYS A 264 -16.50 7.15 8.86
C CYS A 264 -18.03 7.04 8.86
N ASP A 265 -18.68 7.83 8.01
CA ASP A 265 -20.13 7.84 7.95
C ASP A 265 -20.65 7.34 6.59
N CYS A 266 -19.83 6.58 5.89
CA CYS A 266 -20.24 6.01 4.60
C CYS A 266 -21.29 4.94 4.84
N PHE A 267 -22.02 4.58 3.79
CA PHE A 267 -23.16 3.67 3.95
C PHE A 267 -22.71 2.29 4.42
N ARG A 268 -21.52 1.88 4.01
CA ARG A 268 -20.97 0.59 4.44
C ARG A 268 -20.74 0.56 5.95
N CYS A 269 -20.40 1.70 6.53
CA CYS A 269 -20.16 1.78 7.96
C CYS A 269 -21.44 1.98 8.77
N GLN A 270 -22.44 2.60 8.14
CA GLN A 270 -23.72 2.82 8.81
C GLN A 270 -24.56 1.54 8.86
N THR A 271 -24.28 0.62 7.95
CA THR A 271 -25.08 -0.59 7.83
C THR A 271 -24.32 -1.85 8.18
N GLN A 272 -23.05 -1.70 8.57
CA GLN A 272 -22.17 -2.83 8.85
C GLN A 272 -22.18 -3.79 7.67
N ASP A 273 -22.10 -3.21 6.47
CA ASP A 273 -22.18 -3.96 5.23
C ASP A 273 -21.11 -5.07 5.14
N LYS A 274 -21.58 -6.29 4.93
CA LYS A 274 -20.75 -7.49 4.72
C LYS A 274 -20.08 -8.00 6.00
N ASP A 275 -20.33 -7.34 7.13
CA ASP A 275 -19.75 -7.78 8.40
C ASP A 275 -20.08 -9.24 8.73
N ALA A 276 -21.31 -9.63 8.46
CA ALA A 276 -21.78 -10.97 8.78
C ALA A 276 -20.96 -12.01 8.06
N ASP A 277 -20.83 -11.85 6.75
CA ASP A 277 -20.05 -12.76 5.94
C ASP A 277 -18.61 -12.82 6.41
N MET A 278 -18.04 -11.66 6.70
CA MET A 278 -16.64 -11.58 7.12
C MET A 278 -16.40 -12.47 8.34
N LEU A 279 -17.30 -12.40 9.31
CA LEU A 279 -17.12 -13.11 10.57
C LEU A 279 -17.86 -14.45 10.59
N THR A 280 -18.14 -14.98 9.41
CA THR A 280 -18.75 -16.29 9.28
C THR A 280 -18.01 -17.30 10.14
N GLY A 281 -18.75 -18.15 10.83
CA GLY A 281 -18.14 -19.14 11.70
C GLY A 281 -18.20 -18.74 13.16
N ASP A 282 -17.61 -19.56 14.02
CA ASP A 282 -17.67 -19.34 15.46
C ASP A 282 -16.47 -18.54 15.95
N GLU A 283 -16.76 -17.52 16.76
CA GLU A 283 -15.73 -16.62 17.27
C GLU A 283 -14.65 -17.37 18.04
N GLN A 284 -15.02 -18.48 18.67
CA GLN A 284 -14.04 -19.28 19.40
C GLN A 284 -13.00 -19.86 18.46
N VAL A 285 -13.38 -20.04 17.20
CA VAL A 285 -12.49 -20.66 16.23
C VAL A 285 -11.67 -19.64 15.45
N TRP A 286 -12.32 -18.64 14.87
CA TRP A 286 -11.59 -17.73 13.99
C TRP A 286 -10.71 -16.72 14.75
N LYS A 287 -10.97 -16.51 16.04
CA LYS A 287 -10.17 -15.56 16.79
C LYS A 287 -8.74 -16.08 16.98
N GLU A 288 -8.58 -17.40 17.00
CA GLU A 288 -7.24 -17.99 17.05
C GLU A 288 -6.51 -17.64 15.77
N VAL A 289 -7.24 -17.72 14.66
CA VAL A 289 -6.70 -17.39 13.36
C VAL A 289 -6.30 -15.93 13.33
N GLN A 290 -7.20 -15.07 13.80
CA GLN A 290 -6.95 -13.63 13.83
C GLN A 290 -5.67 -13.32 14.61
N GLU A 291 -5.47 -14.03 15.71
CA GLU A 291 -4.27 -13.86 16.52
C GLU A 291 -3.04 -14.25 15.72
N SER A 292 -3.03 -15.47 15.20
CA SER A 292 -1.91 -15.96 14.42
C SER A 292 -1.56 -15.04 13.25
N LEU A 293 -2.58 -14.37 12.72
CA LEU A 293 -2.42 -13.51 11.55
C LEU A 293 -1.37 -12.44 11.75
N LYS A 294 -1.22 -11.96 12.98
CA LYS A 294 -0.22 -10.94 13.25
C LYS A 294 1.18 -11.49 12.99
N LYS A 295 1.51 -12.63 13.58
CA LYS A 295 2.81 -13.24 13.39
C LYS A 295 3.07 -13.49 11.91
N ILE A 296 2.04 -13.97 11.21
CA ILE A 296 2.17 -14.33 9.80
C ILE A 296 2.45 -13.12 8.94
N GLU A 297 1.67 -12.05 9.12
CA GLU A 297 1.83 -10.85 8.30
C GLU A 297 3.20 -10.20 8.50
N GLU A 298 3.77 -10.36 9.69
CA GLU A 298 5.09 -9.83 9.98
C GLU A 298 6.18 -10.63 9.28
N LEU A 299 5.97 -11.94 9.17
CA LEU A 299 6.88 -12.80 8.42
C LEU A 299 6.81 -12.48 6.93
N LYS A 300 5.60 -12.21 6.45
CA LYS A 300 5.36 -11.85 5.05
C LYS A 300 6.01 -10.52 4.70
N ALA A 301 5.92 -9.56 5.61
CA ALA A 301 6.56 -8.27 5.44
C ALA A 301 8.06 -8.42 5.29
N HIS A 302 8.62 -9.39 6.02
CA HIS A 302 10.06 -9.64 5.98
C HIS A 302 10.43 -10.72 4.96
N TRP A 303 9.47 -11.06 4.11
CA TRP A 303 9.70 -11.97 2.99
C TRP A 303 10.19 -13.35 3.43
N LYS A 304 9.66 -13.84 4.54
CA LYS A 304 10.02 -15.15 5.06
C LYS A 304 9.00 -16.21 4.61
N TRP A 305 8.95 -16.46 3.31
CA TRP A 305 7.89 -17.28 2.70
C TRP A 305 7.82 -18.71 3.23
N GLU A 306 8.96 -19.29 3.58
CA GLU A 306 8.97 -20.65 4.10
C GLU A 306 8.27 -20.69 5.44
N GLN A 307 8.60 -19.74 6.31
CA GLN A 307 7.94 -19.65 7.60
C GLN A 307 6.45 -19.38 7.44
N VAL A 308 6.11 -18.50 6.51
CA VAL A 308 4.72 -18.15 6.25
C VAL A 308 3.92 -19.38 5.83
N LEU A 309 4.44 -20.14 4.89
CA LEU A 309 3.74 -21.32 4.38
C LEU A 309 3.48 -22.33 5.48
N ALA A 310 4.52 -22.57 6.28
CA ALA A 310 4.43 -23.52 7.39
C ALA A 310 3.30 -23.19 8.33
N MET A 311 3.24 -21.93 8.76
CA MET A 311 2.20 -21.49 9.68
C MET A 311 0.82 -21.58 9.06
N CYS A 312 0.74 -21.25 7.78
CA CYS A 312 -0.55 -21.16 7.12
C CYS A 312 -1.19 -22.52 6.95
N GLN A 313 -0.47 -23.47 6.37
CA GLN A 313 -1.04 -24.77 6.08
C GLN A 313 -1.32 -25.53 7.36
N ALA A 314 -0.64 -25.13 8.43
CA ALA A 314 -0.97 -25.65 9.76
C ALA A 314 -2.36 -25.18 10.14
N ILE A 315 -2.55 -23.87 10.11
CA ILE A 315 -3.82 -23.26 10.42
C ILE A 315 -4.93 -23.75 9.49
N ILE A 316 -4.62 -23.74 8.20
CA ILE A 316 -5.60 -24.15 7.18
C ILE A 316 -6.11 -25.57 7.42
N SER A 317 -5.19 -26.52 7.52
CA SER A 317 -5.57 -27.92 7.72
C SER A 317 -6.30 -28.11 9.04
N SER A 318 -5.91 -27.33 10.04
CA SER A 318 -6.48 -27.45 11.38
C SER A 318 -7.94 -27.04 11.44
N ASN A 319 -8.38 -26.18 10.53
CA ASN A 319 -9.72 -25.64 10.60
C ASN A 319 -10.64 -26.08 9.47
N SER A 320 -10.14 -27.00 8.64
CA SER A 320 -10.83 -27.39 7.42
C SER A 320 -12.23 -27.93 7.67
N GLU A 321 -12.46 -28.49 8.86
CA GLU A 321 -13.74 -29.11 9.14
C GLU A 321 -14.74 -28.15 9.74
N ARG A 322 -14.27 -26.99 10.23
CA ARG A 322 -15.14 -26.10 10.99
C ARG A 322 -15.13 -24.64 10.53
N LEU A 323 -14.06 -24.19 9.89
CA LEU A 323 -13.96 -22.78 9.53
C LEU A 323 -13.93 -22.56 8.01
N PRO A 324 -14.98 -21.92 7.48
CA PRO A 324 -15.16 -21.64 6.05
C PRO A 324 -14.23 -20.56 5.50
N ASP A 325 -13.87 -20.68 4.23
CA ASP A 325 -12.90 -19.80 3.60
C ASP A 325 -13.33 -18.33 3.56
N ILE A 326 -14.63 -18.07 3.58
CA ILE A 326 -15.10 -16.69 3.44
C ILE A 326 -14.84 -15.86 4.69
N ASN A 327 -14.52 -16.53 5.80
CA ASN A 327 -14.12 -15.80 7.00
C ASN A 327 -12.83 -15.05 6.74
N ILE A 328 -12.83 -13.73 6.92
CA ILE A 328 -11.74 -12.89 6.43
C ILE A 328 -10.38 -13.22 7.04
N TYR A 329 -10.37 -13.75 8.25
CA TYR A 329 -9.10 -14.11 8.86
C TYR A 329 -8.58 -15.38 8.21
N GLN A 330 -9.47 -16.34 8.03
CA GLN A 330 -9.14 -17.55 7.28
C GLN A 330 -8.73 -17.17 5.86
N LEU A 331 -9.47 -16.25 5.27
CA LEU A 331 -9.22 -15.79 3.91
C LEU A 331 -7.81 -15.26 3.75
N LYS A 332 -7.42 -14.38 4.67
CA LYS A 332 -6.10 -13.77 4.66
C LYS A 332 -5.01 -14.84 4.70
N VAL A 333 -5.24 -15.89 5.48
CA VAL A 333 -4.26 -16.97 5.60
C VAL A 333 -4.15 -17.71 4.28
N LEU A 334 -5.28 -17.95 3.62
CA LEU A 334 -5.25 -18.57 2.30
C LEU A 334 -4.49 -17.70 1.30
N ASP A 335 -4.66 -16.39 1.42
CA ASP A 335 -3.97 -15.44 0.56
C ASP A 335 -2.47 -15.51 0.79
N CYS A 336 -2.05 -15.44 2.05
CA CYS A 336 -0.65 -15.53 2.40
C CYS A 336 -0.05 -16.84 1.93
N ALA A 337 -0.80 -17.91 2.15
CA ALA A 337 -0.38 -19.24 1.71
C ALA A 337 -0.12 -19.23 0.21
N MET A 338 -1.10 -18.74 -0.55
CA MET A 338 -0.97 -18.66 -2.01
C MET A 338 0.27 -17.87 -2.43
N ASP A 339 0.43 -16.67 -1.89
CA ASP A 339 1.58 -15.84 -2.24
C ASP A 339 2.88 -16.58 -1.93
N ALA A 340 2.92 -17.24 -0.78
CA ALA A 340 4.11 -17.98 -0.36
C ALA A 340 4.45 -19.09 -1.35
N CYS A 341 3.45 -19.88 -1.72
CA CYS A 341 3.65 -20.97 -2.65
C CYS A 341 4.19 -20.47 -3.98
N ILE A 342 3.71 -19.31 -4.43
CA ILE A 342 4.17 -18.74 -5.68
C ILE A 342 5.65 -18.39 -5.60
N ASN A 343 6.05 -17.73 -4.53
CA ASN A 343 7.45 -17.37 -4.33
C ASN A 343 8.34 -18.56 -4.01
N LEU A 344 7.74 -19.75 -3.89
CA LEU A 344 8.50 -20.97 -3.63
C LEU A 344 8.33 -21.99 -4.74
N GLY A 345 7.84 -21.56 -5.89
CA GLY A 345 7.70 -22.43 -7.04
C GLY A 345 6.65 -23.52 -6.92
N LEU A 346 5.99 -23.58 -5.78
CA LEU A 346 4.93 -24.56 -5.57
C LEU A 346 3.64 -24.11 -6.25
N LEU A 347 3.60 -24.23 -7.58
CA LEU A 347 2.50 -23.64 -8.33
C LEU A 347 1.18 -24.38 -8.18
N GLU A 348 1.23 -25.71 -8.15
CA GLU A 348 0.01 -26.48 -8.02
C GLU A 348 -0.64 -26.21 -6.67
N GLU A 349 0.18 -26.16 -5.63
CA GLU A 349 -0.32 -25.87 -4.30
C GLU A 349 -0.88 -24.45 -4.21
N ALA A 350 -0.22 -23.53 -4.90
CA ALA A 350 -0.66 -22.14 -4.97
C ALA A 350 -2.05 -22.03 -5.57
N LEU A 351 -2.27 -22.77 -6.66
CA LEU A 351 -3.57 -22.77 -7.32
C LEU A 351 -4.65 -23.31 -6.39
N PHE A 352 -4.27 -24.23 -5.51
CA PHE A 352 -5.22 -24.80 -4.57
C PHE A 352 -5.73 -23.74 -3.59
N TYR A 353 -4.80 -23.00 -2.98
CA TYR A 353 -5.18 -21.98 -2.01
C TYR A 353 -5.82 -20.77 -2.70
N GLY A 354 -5.30 -20.41 -3.87
CA GLY A 354 -5.73 -19.24 -4.58
C GLY A 354 -7.16 -19.30 -5.09
N THR A 355 -7.56 -20.46 -5.59
CA THR A 355 -8.92 -20.67 -6.07
C THR A 355 -9.93 -20.41 -4.96
N ARG A 356 -9.54 -20.72 -3.74
CA ARG A 356 -10.44 -20.63 -2.62
C ARG A 356 -10.65 -19.18 -2.18
N THR A 357 -9.84 -18.28 -2.70
CA THR A 357 -9.97 -16.87 -2.34
C THR A 357 -10.86 -16.14 -3.33
N MET A 358 -11.19 -16.79 -4.43
CA MET A 358 -11.84 -16.12 -5.55
C MET A 358 -13.23 -15.58 -5.24
N GLU A 359 -14.14 -16.45 -4.84
CA GLU A 359 -15.50 -15.99 -4.56
C GLU A 359 -15.55 -15.00 -3.39
N PRO A 360 -14.82 -15.27 -2.28
CA PRO A 360 -14.82 -14.29 -1.21
C PRO A 360 -14.28 -12.93 -1.64
N TYR A 361 -13.26 -12.92 -2.50
CA TYR A 361 -12.70 -11.68 -3.01
C TYR A 361 -13.74 -10.91 -3.85
N ARG A 362 -14.55 -11.62 -4.60
CA ARG A 362 -15.60 -10.98 -5.40
C ARG A 362 -16.60 -10.26 -4.52
N ILE A 363 -16.92 -10.87 -3.38
CA ILE A 363 -17.90 -10.31 -2.46
C ILE A 363 -17.33 -9.13 -1.70
N PHE A 364 -16.20 -9.35 -1.03
CA PHE A 364 -15.64 -8.36 -0.12
C PHE A 364 -14.99 -7.16 -0.81
N PHE A 365 -14.60 -7.33 -2.06
CA PHE A 365 -14.02 -6.23 -2.80
C PHE A 365 -15.05 -5.59 -3.74
N PRO A 366 -14.90 -4.29 -3.98
CA PRO A 366 -15.77 -3.62 -4.97
C PRO A 366 -15.61 -4.23 -6.35
N GLY A 367 -16.36 -3.70 -7.31
CA GLY A 367 -16.30 -4.21 -8.67
C GLY A 367 -14.93 -4.08 -9.30
N SER A 368 -14.33 -2.90 -9.14
CA SER A 368 -13.03 -2.64 -9.71
C SER A 368 -12.04 -2.20 -8.64
N HIS A 369 -11.24 -3.13 -8.17
CA HIS A 369 -10.25 -2.86 -7.13
C HIS A 369 -8.93 -3.51 -7.50
N PRO A 370 -7.83 -2.76 -7.40
CA PRO A 370 -6.50 -3.22 -7.81
C PRO A 370 -6.06 -4.51 -7.13
N VAL A 371 -6.40 -4.68 -5.87
CA VAL A 371 -6.01 -5.88 -5.14
C VAL A 371 -6.74 -7.10 -5.67
N ARG A 372 -8.03 -6.94 -5.97
CA ARG A 372 -8.79 -8.05 -6.52
C ARG A 372 -8.30 -8.38 -7.93
N GLY A 373 -8.11 -7.35 -8.75
CA GLY A 373 -7.63 -7.52 -10.10
C GLY A 373 -6.38 -8.39 -10.15
N VAL A 374 -5.38 -8.00 -9.35
CA VAL A 374 -4.10 -8.70 -9.32
C VAL A 374 -4.28 -10.13 -8.82
N GLN A 375 -5.15 -10.32 -7.83
CA GLN A 375 -5.46 -11.64 -7.32
C GLN A 375 -6.04 -12.53 -8.42
N VAL A 376 -7.03 -11.99 -9.13
CA VAL A 376 -7.66 -12.72 -10.22
C VAL A 376 -6.63 -13.00 -11.29
N MET A 377 -5.69 -12.09 -11.47
CA MET A 377 -4.63 -12.28 -12.45
C MET A 377 -3.75 -13.46 -12.08
N LYS A 378 -3.40 -13.55 -10.80
CA LYS A 378 -2.54 -14.63 -10.32
C LYS A 378 -3.23 -15.99 -10.50
N VAL A 379 -4.53 -16.03 -10.24
CA VAL A 379 -5.27 -17.28 -10.31
C VAL A 379 -5.38 -17.76 -11.76
N GLY A 380 -5.73 -16.85 -12.67
CA GLY A 380 -5.75 -17.17 -14.08
C GLY A 380 -4.43 -17.74 -14.55
N LYS A 381 -3.33 -17.08 -14.18
CA LYS A 381 -2.00 -17.54 -14.53
C LYS A 381 -1.72 -18.92 -13.99
N LEU A 382 -2.09 -19.15 -12.74
CA LEU A 382 -1.87 -20.45 -12.12
C LEU A 382 -2.67 -21.53 -12.82
N GLN A 383 -3.85 -21.15 -13.32
CA GLN A 383 -4.68 -22.08 -14.06
C GLN A 383 -4.07 -22.35 -15.43
N LEU A 384 -3.57 -21.30 -16.06
CA LEU A 384 -2.92 -21.43 -17.35
C LEU A 384 -1.77 -22.42 -17.27
N HIS A 385 -0.97 -22.30 -16.22
CA HIS A 385 0.18 -23.17 -15.99
C HIS A 385 -0.25 -24.62 -15.79
N GLN A 386 -1.52 -24.82 -15.46
CA GLN A 386 -2.06 -26.16 -15.25
C GLN A 386 -2.97 -26.59 -16.40
N GLY A 387 -2.92 -25.86 -17.50
CA GLY A 387 -3.67 -26.23 -18.69
C GLY A 387 -5.18 -26.14 -18.56
N MET A 388 -5.66 -25.58 -17.45
CA MET A 388 -7.09 -25.41 -17.25
C MET A 388 -7.59 -24.24 -18.05
N PHE A 389 -7.40 -24.32 -19.36
CA PHE A 389 -7.58 -23.19 -20.27
C PHE A 389 -8.88 -22.39 -20.12
N PRO A 390 -10.05 -23.06 -20.13
CA PRO A 390 -11.26 -22.25 -20.15
C PRO A 390 -11.44 -21.41 -18.89
N GLN A 391 -10.99 -21.94 -17.75
CA GLN A 391 -11.08 -21.20 -16.50
C GLN A 391 -10.11 -20.04 -16.54
N ALA A 392 -8.88 -20.34 -16.94
CA ALA A 392 -7.84 -19.33 -17.08
C ALA A 392 -8.32 -18.20 -17.97
N MET A 393 -8.90 -18.55 -19.12
CA MET A 393 -9.44 -17.57 -20.04
C MET A 393 -10.46 -16.68 -19.36
N LYS A 394 -11.31 -17.29 -18.54
CA LYS A 394 -12.35 -16.56 -17.83
C LYS A 394 -11.71 -15.58 -16.85
N ASN A 395 -10.75 -16.07 -16.08
CA ASN A 395 -10.12 -15.24 -15.05
C ASN A 395 -9.17 -14.20 -15.62
N LEU A 396 -8.47 -14.54 -16.70
CA LEU A 396 -7.59 -13.57 -17.33
C LEU A 396 -8.40 -12.41 -17.89
N ARG A 397 -9.51 -12.72 -18.57
CA ARG A 397 -10.40 -11.70 -19.08
C ARG A 397 -10.90 -10.80 -17.96
N LEU A 398 -11.29 -11.42 -16.86
CA LEU A 398 -11.80 -10.70 -15.71
C LEU A 398 -10.75 -9.74 -15.16
N ALA A 399 -9.54 -10.27 -14.98
CA ALA A 399 -8.42 -9.46 -14.49
C ALA A 399 -8.16 -8.27 -15.41
N PHE A 400 -8.23 -8.50 -16.71
CA PHE A 400 -8.07 -7.44 -17.68
C PHE A 400 -9.17 -6.41 -17.52
N ASP A 401 -10.38 -6.91 -17.34
CA ASP A 401 -11.55 -6.06 -17.20
C ASP A 401 -11.38 -5.11 -16.02
N ILE A 402 -10.88 -5.65 -14.92
CA ILE A 402 -10.66 -4.87 -13.71
C ILE A 402 -9.44 -3.95 -13.82
N MET A 403 -8.31 -4.52 -14.22
CA MET A 403 -7.04 -3.80 -14.14
C MET A 403 -6.91 -2.72 -15.21
N ARG A 404 -7.64 -2.83 -16.31
CA ARG A 404 -7.62 -1.77 -17.30
C ARG A 404 -8.24 -0.51 -16.71
N VAL A 405 -9.02 -0.70 -15.65
CA VAL A 405 -9.64 0.41 -14.93
C VAL A 405 -8.75 0.85 -13.78
N THR A 406 -8.22 -0.11 -13.03
CA THR A 406 -7.43 0.20 -11.83
C THR A 406 -5.98 0.53 -12.14
N HIS A 407 -5.37 -0.22 -13.04
CA HIS A 407 -3.97 -0.02 -13.40
C HIS A 407 -3.83 0.84 -14.66
N GLY A 408 -4.86 0.85 -15.49
CA GLY A 408 -4.81 1.57 -16.76
C GLY A 408 -4.18 0.74 -17.86
N ARG A 409 -4.58 1.04 -19.10
CA ARG A 409 -4.13 0.30 -20.27
C ARG A 409 -2.63 0.31 -20.47
N GLU A 410 -1.99 1.41 -20.10
CA GLU A 410 -0.58 1.60 -20.38
C GLU A 410 0.31 0.77 -19.48
N HIS A 411 -0.30 0.10 -18.49
CA HIS A 411 0.47 -0.60 -17.48
C HIS A 411 1.08 -1.89 -18.02
N SER A 412 2.24 -2.24 -17.51
CA SER A 412 3.00 -3.39 -17.98
C SER A 412 2.28 -4.72 -17.77
N LEU A 413 1.51 -4.80 -16.68
CA LEU A 413 0.79 -6.03 -16.38
C LEU A 413 -0.28 -6.33 -17.42
N ILE A 414 -0.85 -5.28 -18.00
CA ILE A 414 -1.82 -5.41 -19.08
C ILE A 414 -1.17 -6.06 -20.29
N GLU A 415 0.09 -5.70 -20.53
CA GLU A 415 0.85 -6.22 -21.66
C GLU A 415 1.02 -7.73 -21.53
N ASP A 416 1.48 -8.18 -20.36
CA ASP A 416 1.58 -9.60 -20.08
C ASP A 416 0.21 -10.26 -20.23
N LEU A 417 -0.80 -9.60 -19.67
CA LEU A 417 -2.15 -10.11 -19.65
C LEU A 417 -2.66 -10.37 -21.06
N ILE A 418 -2.48 -9.40 -21.95
CA ILE A 418 -2.85 -9.53 -23.34
C ILE A 418 -2.19 -10.74 -23.99
N LEU A 419 -0.91 -10.91 -23.74
CA LEU A 419 -0.15 -12.04 -24.26
C LEU A 419 -0.68 -13.36 -23.74
N LEU A 420 -0.93 -13.42 -22.44
CA LEU A 420 -1.49 -14.61 -21.84
C LEU A 420 -2.87 -14.91 -22.43
N LEU A 421 -3.65 -13.85 -22.65
CA LEU A 421 -4.98 -13.99 -23.25
C LEU A 421 -4.89 -14.63 -24.63
N GLU A 422 -3.89 -14.22 -25.40
CA GLU A 422 -3.70 -14.75 -26.75
C GLU A 422 -3.28 -16.21 -26.70
N GLU A 423 -2.30 -16.52 -25.84
CA GLU A 423 -1.82 -17.88 -25.69
C GLU A 423 -2.97 -18.81 -25.27
N CYS A 424 -3.79 -18.33 -24.36
CA CYS A 424 -4.91 -19.11 -23.84
C CYS A 424 -6.00 -19.30 -24.88
N ASP A 425 -6.40 -18.23 -25.56
CA ASP A 425 -7.49 -18.28 -26.54
C ASP A 425 -7.10 -19.15 -27.74
N ALA A 426 -5.80 -19.31 -27.96
CA ALA A 426 -5.31 -20.19 -29.01
C ALA A 426 -5.59 -21.66 -28.66
N ASN A 427 -5.20 -22.05 -27.45
CA ASN A 427 -5.38 -23.43 -26.99
C ASN A 427 -6.85 -23.86 -26.91
N ILE A 428 -7.75 -22.89 -26.78
CA ILE A 428 -9.18 -23.19 -26.77
C ILE A 428 -9.64 -23.70 -28.13
N ARG A 429 -9.44 -22.87 -29.15
CA ARG A 429 -9.79 -23.25 -30.52
C ARG A 429 -8.95 -24.43 -31.02
N ALA A 430 -7.73 -24.54 -30.49
CA ALA A 430 -6.84 -25.63 -30.86
C ALA A 430 -7.30 -26.94 -30.25
N SER A 431 -7.68 -26.90 -28.97
CA SER A 431 -8.13 -28.08 -28.26
C SER A 431 -9.33 -27.74 -27.36
N LYS B 2 2.05 -0.40 12.56
CA LYS B 2 2.55 0.38 11.44
C LYS B 2 1.63 1.57 11.13
N PHE B 3 1.69 2.05 9.90
CA PHE B 3 0.97 3.25 9.49
C PHE B 3 1.02 3.43 7.98
N GLY B 4 0.23 4.36 7.46
CA GLY B 4 0.25 4.65 6.04
C GLY B 4 -1.03 4.25 5.34
N LYS B 5 -1.62 5.20 4.62
CA LYS B 5 -2.84 4.95 3.85
C LYS B 5 -2.61 3.80 2.87
N GLY B 6 -3.49 2.80 2.94
CA GLY B 6 -3.34 1.59 2.16
C GLY B 6 -2.58 0.52 2.94
N GLY B 7 -2.24 -0.57 2.26
CA GLY B 7 -1.49 -1.64 2.89
C GLY B 7 -2.34 -2.52 3.79
N THR B 8 -1.97 -3.80 3.84
CA THR B 8 -2.73 -4.83 4.54
C THR B 8 -2.91 -4.54 6.03
N TYR B 9 -3.81 -5.31 6.65
CA TYR B 9 -4.15 -5.14 8.06
C TYR B 9 -3.80 -6.38 8.86
N PRO B 10 -2.58 -6.43 9.41
CA PRO B 10 -2.08 -7.54 10.21
C PRO B 10 -2.91 -7.78 11.46
#